data_9N1U
#
_entry.id   9N1U
#
_cell.length_a   60.369
_cell.length_b   137.330
_cell.length_c   53.349
_cell.angle_alpha   90.000
_cell.angle_beta   90.000
_cell.angle_gamma   90.000
#
_symmetry.space_group_name_H-M   'P 21 21 2'
#
loop_
_entity.id
_entity.type
_entity.pdbx_description
1 polymer 'Non-ribosomal peptide synthetase'
2 non-polymer 1,2-ETHANEDIOL
3 non-polymer 'DIAMINOPROPANOIC ACID'
4 water water
#
_entity_poly.entity_id   1
_entity_poly.type   'polypeptide(L)'
_entity_poly.pdbx_seq_one_letter_code
;GHMGGIPLSCVTRQGDLRLGRHLVPHLFEDHAAATPERRALVYNDRAYSYDQLNRAANRIANRLMQAFPELGTDSLVGVR
IARSDRLALTVLAIWKIGAAYIPIDPVLPAQRMHDMLDLAGAKALIVDASVAAAEPAVAGMPRIVFDDLVMDDPLLEDNP
EVHLSGNDLSYVLFTSGSTGKPKGAMIEHIGMLNNIANKALDLAMDEDSRVAQNASMSFDVSVWQMFIALTKGGTTFVYD
DRVVNDIAGLIQRMHTDSLTILEVVPTYLQALVEYMEEHPDCPRPAALTFMMVNGETVDAALLKRWFALCPASKVINAYG
PTEASDDITHHIMSPGDEIVNPVPIGRALANFDIYIVDDELRPVPIGTRGEIVVTGVGVGRGYVGMAGVTAQAFVKSPFP
DRYKGRLYRTGDLGAMREDGVLMFHGRKD
;
_entity_poly.pdbx_strand_id   A
#
loop_
_chem_comp.id
_chem_comp.type
_chem_comp.name
_chem_comp.formula
EDO non-polymer 1,2-ETHANEDIOL 'C2 H6 O2'
#
# COMPACT_ATOMS: atom_id res chain seq x y z
N PRO A 7 -34.55 -1.24 5.40
CA PRO A 7 -33.29 -0.61 5.80
C PRO A 7 -32.52 0.02 4.64
N LEU A 8 -31.73 1.05 4.95
CA LEU A 8 -30.93 1.74 3.94
C LEU A 8 -29.52 1.17 3.88
N SER A 9 -28.84 1.47 2.78
CA SER A 9 -27.54 0.86 2.48
C SER A 9 -26.44 1.69 3.14
N CYS A 10 -26.31 1.50 4.44
CA CYS A 10 -25.32 2.21 5.25
C CYS A 10 -24.64 1.20 6.16
N VAL A 11 -23.31 1.22 6.19
CA VAL A 11 -22.55 0.53 7.22
C VAL A 11 -21.60 1.53 7.85
N THR A 12 -21.57 1.58 9.18
CA THR A 12 -20.80 2.60 9.89
C THR A 12 -19.78 1.93 10.80
N ARG A 13 -18.49 2.13 10.50
CA ARG A 13 -17.42 1.64 11.35
C ARG A 13 -16.49 2.75 11.80
N GLN A 14 -16.85 4.02 11.58
CA GLN A 14 -15.98 5.09 12.06
C GLN A 14 -15.79 4.93 13.56
N GLY A 15 -14.53 4.99 14.00
CA GLY A 15 -14.21 4.87 15.41
C GLY A 15 -14.08 3.46 15.93
N ASP A 16 -14.22 2.45 15.07
CA ASP A 16 -14.28 1.07 15.56
C ASP A 16 -12.92 0.54 16.02
N LEU A 17 -11.81 1.09 15.53
CA LEU A 17 -10.50 0.48 15.75
C LEU A 17 -9.53 1.54 16.26
N ARG A 18 -9.07 1.38 17.49
CA ARG A 18 -8.03 2.25 18.01
C ARG A 18 -6.71 1.99 17.26
N LEU A 19 -6.03 3.06 16.89
CA LEU A 19 -4.88 2.91 15.99
C LEU A 19 -3.53 2.98 16.68
N GLY A 20 -3.51 3.23 17.99
CA GLY A 20 -2.28 3.35 18.72
C GLY A 20 -1.66 4.72 18.53
N ARG A 21 -0.58 4.94 19.27
CA ARG A 21 0.01 6.25 19.33
C ARG A 21 0.96 6.53 18.18
N HIS A 22 1.48 5.51 17.52
CA HIS A 22 2.62 5.65 16.62
C HIS A 22 2.27 5.42 15.16
N LEU A 23 2.74 6.31 14.31
CA LEU A 23 2.58 6.16 12.88
C LEU A 23 3.55 5.10 12.34
N VAL A 24 3.39 4.75 11.06
CA VAL A 24 4.15 3.64 10.47
C VAL A 24 5.67 3.76 10.69
N PRO A 25 6.32 4.88 10.34
CA PRO A 25 7.78 4.94 10.56
C PRO A 25 8.16 4.75 12.01
N HIS A 26 7.32 5.24 12.92
CA HIS A 26 7.61 5.14 14.34
CA HIS A 26 7.63 5.17 14.33
C HIS A 26 7.42 3.74 14.86
N LEU A 27 6.42 3.00 14.34
CA LEU A 27 6.29 1.59 14.69
C LEU A 27 7.53 0.79 14.27
N PHE A 28 8.05 1.12 13.08
CA PHE A 28 9.30 0.49 12.65
C PHE A 28 10.43 0.84 13.62
N GLU A 29 10.54 2.11 13.99
CA GLU A 29 11.57 2.51 14.96
C GLU A 29 11.42 1.74 16.27
N ASP A 30 10.17 1.52 16.71
CA ASP A 30 9.94 0.79 17.96
C ASP A 30 10.55 -0.60 17.87
N HIS A 31 10.31 -1.28 16.76
CA HIS A 31 10.83 -2.63 16.60
C HIS A 31 12.36 -2.62 16.47
N ALA A 32 12.92 -1.62 15.81
CA ALA A 32 14.37 -1.56 15.68
C ALA A 32 15.03 -1.37 17.04
N ALA A 33 14.38 -0.62 17.93
CA ALA A 33 14.93 -0.45 19.27
C ALA A 33 14.77 -1.69 20.13
N ALA A 34 13.62 -2.36 20.02
CA ALA A 34 13.29 -3.49 20.88
C ALA A 34 14.01 -4.75 20.47
N THR A 35 14.08 -5.02 19.17
CA THR A 35 14.66 -6.25 18.63
C THR A 35 15.56 -5.89 17.46
N PRO A 36 16.70 -5.26 17.73
CA PRO A 36 17.57 -4.79 16.64
C PRO A 36 18.04 -5.89 15.71
N GLU A 37 18.19 -7.12 16.18
CA GLU A 37 18.85 -8.14 15.40
C GLU A 37 17.87 -9.02 14.62
N ARG A 38 16.57 -8.82 14.78
CA ARG A 38 15.59 -9.56 13.99
C ARG A 38 15.74 -9.16 12.52
N ARG A 39 15.46 -10.10 11.63
CA ARG A 39 15.57 -9.83 10.19
C ARG A 39 14.36 -9.03 9.73
N ALA A 40 14.61 -7.86 9.15
CA ALA A 40 13.57 -6.92 8.74
C ALA A 40 13.22 -7.00 7.27
N LEU A 41 14.21 -7.12 6.40
CA LEU A 41 13.94 -7.01 4.98
C LEU A 41 14.95 -7.81 4.21
N VAL A 42 14.44 -8.54 3.22
CA VAL A 42 15.25 -9.32 2.30
C VAL A 42 14.95 -8.86 0.89
N TYR A 43 15.99 -8.59 0.12
CA TYR A 43 15.84 -8.28 -1.31
C TYR A 43 16.92 -9.09 -2.03
N ASN A 44 16.52 -10.24 -2.58
CA ASN A 44 17.43 -11.18 -3.24
C ASN A 44 18.55 -11.52 -2.27
N ASP A 45 19.79 -11.20 -2.63
CA ASP A 45 20.97 -11.51 -1.82
C ASP A 45 21.17 -10.61 -0.60
N ARG A 46 20.40 -9.53 -0.45
CA ARG A 46 20.61 -8.58 0.62
C ARG A 46 19.62 -8.79 1.75
N ALA A 47 20.13 -8.97 2.97
CA ALA A 47 19.29 -9.10 4.15
C ALA A 47 19.69 -8.03 5.15
N TYR A 48 18.69 -7.36 5.69
CA TYR A 48 18.89 -6.33 6.70
C TYR A 48 18.23 -6.74 8.01
N SER A 49 18.95 -6.59 9.11
CA SER A 49 18.29 -6.60 10.40
C SER A 49 17.52 -5.30 10.59
N TYR A 50 16.63 -5.27 11.60
CA TYR A 50 15.96 -4.03 11.94
C TYR A 50 16.97 -2.91 12.19
N ASP A 51 18.02 -3.21 12.96
CA ASP A 51 18.99 -2.16 13.27
C ASP A 51 19.73 -1.71 12.00
N GLN A 52 20.08 -2.64 11.11
CA GLN A 52 20.79 -2.23 9.90
C GLN A 52 19.90 -1.36 9.01
N LEU A 53 18.64 -1.77 8.85
CA LEU A 53 17.71 -0.99 8.04
C LEU A 53 17.49 0.38 8.66
N ASN A 54 17.34 0.45 9.98
CA ASN A 54 17.08 1.74 10.62
C ASN A 54 18.29 2.65 10.52
N ARG A 55 19.49 2.10 10.77
CA ARG A 55 20.69 2.93 10.71
C ARG A 55 20.89 3.48 9.32
N ALA A 56 20.70 2.65 8.28
CA ALA A 56 20.88 3.11 6.90
C ALA A 56 19.84 4.16 6.53
N ALA A 57 18.57 3.93 6.92
CA ALA A 57 17.54 4.94 6.68
C ALA A 57 17.89 6.25 7.37
N ASN A 58 18.47 6.18 8.58
CA ASN A 58 18.81 7.41 9.28
C ASN A 58 19.96 8.14 8.61
N ARG A 59 20.94 7.41 8.09
CA ARG A 59 22.02 8.09 7.37
C ARG A 59 21.42 8.85 6.18
N ILE A 60 20.51 8.20 5.48
CA ILE A 60 19.87 8.84 4.32
C ILE A 60 19.11 10.07 4.77
N ALA A 61 18.32 9.89 5.83
CA ALA A 61 17.47 10.98 6.32
C ALA A 61 18.30 12.18 6.72
N ASN A 62 19.38 11.94 7.45
CA ASN A 62 20.19 13.05 7.92
C ASN A 62 20.92 13.73 6.78
N ARG A 63 21.41 12.96 5.80
CA ARG A 63 22.02 13.60 4.65
C ARG A 63 21.00 14.34 3.78
N LEU A 64 19.75 13.86 3.75
CA LEU A 64 18.73 14.62 3.03
C LEU A 64 18.48 15.96 3.71
N MET A 65 18.38 15.96 5.04
CA MET A 65 18.18 17.24 5.74
CA MET A 65 18.18 17.24 5.74
C MET A 65 19.38 18.16 5.58
N GLN A 66 20.59 17.61 5.46
CA GLN A 66 21.75 18.46 5.19
C GLN A 66 21.63 19.11 3.81
N ALA A 67 21.20 18.34 2.82
CA ALA A 67 21.14 18.83 1.45
C ALA A 67 19.96 19.76 1.22
N PHE A 68 18.84 19.50 1.89
CA PHE A 68 17.58 20.21 1.69
C PHE A 68 17.06 20.60 3.06
N PRO A 69 17.64 21.65 3.66
CA PRO A 69 17.29 22.00 5.05
C PRO A 69 15.84 22.42 5.24
N GLU A 70 15.11 22.72 4.18
CA GLU A 70 13.73 23.16 4.31
C GLU A 70 12.73 22.02 4.16
N LEU A 71 13.18 20.80 3.87
CA LEU A 71 12.25 19.69 3.72
C LEU A 71 11.60 19.37 5.05
N GLY A 72 10.31 19.08 5.01
CA GLY A 72 9.60 18.61 6.17
C GLY A 72 8.14 18.37 5.87
N THR A 73 7.27 18.70 6.81
CA THR A 73 5.85 18.39 6.71
C THR A 73 5.27 18.77 5.35
N ASP A 74 4.64 17.78 4.71
CA ASP A 74 3.94 17.89 3.42
C ASP A 74 4.86 18.27 2.27
N SER A 75 6.18 18.28 2.48
CA SER A 75 7.10 18.36 1.34
C SER A 75 7.02 17.07 0.56
N LEU A 76 7.02 17.17 -0.75
CA LEU A 76 6.95 15.99 -1.61
C LEU A 76 8.28 15.76 -2.32
N VAL A 77 8.77 14.52 -2.22
CA VAL A 77 10.04 14.11 -2.78
C VAL A 77 9.76 12.97 -3.76
N GLY A 78 10.14 13.16 -5.02
CA GLY A 78 10.06 12.07 -5.96
C GLY A 78 11.12 11.01 -5.68
N VAL A 79 10.76 9.74 -5.91
CA VAL A 79 11.70 8.64 -5.75
C VAL A 79 11.66 7.77 -6.99
N ARG A 80 12.73 7.83 -7.79
CA ARG A 80 12.87 7.07 -9.03
C ARG A 80 13.96 6.03 -8.79
N ILE A 81 13.58 4.99 -8.06
CA ILE A 81 14.42 3.89 -7.63
C ILE A 81 13.56 2.64 -7.78
N ALA A 82 14.10 1.61 -8.42
CA ALA A 82 13.31 0.39 -8.61
C ALA A 82 13.10 -0.33 -7.28
N ARG A 83 12.05 -1.15 -7.24
CA ARG A 83 11.70 -1.85 -6.02
C ARG A 83 12.87 -2.70 -5.54
N SER A 84 13.21 -2.52 -4.27
CA SER A 84 14.48 -2.98 -3.73
C SER A 84 14.56 -2.53 -2.27
N ASP A 85 15.62 -2.99 -1.60
CA ASP A 85 15.99 -2.40 -0.32
C ASP A 85 16.19 -0.89 -0.45
N ARG A 86 16.74 -0.45 -1.58
CA ARG A 86 17.04 0.98 -1.78
C ARG A 86 15.76 1.80 -1.72
N LEU A 87 14.70 1.29 -2.34
CA LEU A 87 13.43 2.01 -2.31
C LEU A 87 12.89 2.06 -0.89
N ALA A 88 12.89 0.92 -0.20
CA ALA A 88 12.36 0.90 1.17
C ALA A 88 13.10 1.88 2.08
N LEU A 89 14.44 1.86 1.98
CA LEU A 89 15.27 2.74 2.79
C LEU A 89 14.97 4.19 2.50
N THR A 90 14.81 4.53 1.23
CA THR A 90 14.61 5.93 0.86
C THR A 90 13.27 6.43 1.36
N VAL A 91 12.23 5.62 1.21
CA VAL A 91 10.90 6.00 1.69
C VAL A 91 10.93 6.20 3.20
N LEU A 92 11.49 5.23 3.92
CA LEU A 92 11.60 5.39 5.37
C LEU A 92 12.32 6.66 5.76
N ALA A 93 13.43 6.97 5.07
CA ALA A 93 14.16 8.20 5.38
C ALA A 93 13.30 9.43 5.17
N ILE A 94 12.60 9.49 4.02
CA ILE A 94 11.70 10.60 3.74
C ILE A 94 10.67 10.74 4.84
N TRP A 95 10.08 9.63 5.26
CA TRP A 95 9.06 9.72 6.29
C TRP A 95 9.65 10.21 7.61
N LYS A 96 10.84 9.73 7.95
CA LYS A 96 11.46 10.09 9.22
C LYS A 96 11.72 11.59 9.33
N ILE A 97 11.93 12.28 8.21
CA ILE A 97 12.20 13.71 8.26
C ILE A 97 10.93 14.52 8.10
N GLY A 98 9.78 13.84 8.12
CA GLY A 98 8.49 14.50 8.09
C GLY A 98 7.89 14.72 6.72
N ALA A 99 8.54 14.26 5.67
CA ALA A 99 8.09 14.54 4.31
C ALA A 99 7.34 13.34 3.75
N ALA A 100 6.95 13.47 2.47
CA ALA A 100 6.14 12.48 1.78
C ALA A 100 6.81 12.18 0.45
N TYR A 101 6.51 11.03 -0.13
CA TYR A 101 7.14 10.67 -1.40
C TYR A 101 6.15 10.40 -2.51
N ILE A 102 6.68 10.45 -3.73
CA ILE A 102 6.00 10.08 -4.96
C ILE A 102 6.81 8.93 -5.58
N PRO A 103 6.26 7.74 -5.72
CA PRO A 103 6.99 6.68 -6.46
C PRO A 103 6.98 6.97 -7.95
N ILE A 104 8.18 6.99 -8.54
CA ILE A 104 8.33 7.25 -9.97
C ILE A 104 9.18 6.10 -10.51
N ASP A 105 8.52 5.03 -10.96
CA ASP A 105 9.23 3.87 -11.46
C ASP A 105 10.27 4.30 -12.49
N PRO A 106 11.52 3.84 -12.38
CA PRO A 106 12.50 4.15 -13.43
C PRO A 106 12.09 3.80 -14.85
N VAL A 107 11.17 2.84 -15.04
CA VAL A 107 10.76 2.51 -16.41
C VAL A 107 9.83 3.54 -17.00
N LEU A 108 9.26 4.44 -16.20
CA LEU A 108 8.37 5.44 -16.74
C LEU A 108 9.17 6.43 -17.58
N PRO A 109 8.64 6.88 -18.71
CA PRO A 109 9.38 7.88 -19.48
C PRO A 109 9.51 9.20 -18.76
N ALA A 110 10.56 9.94 -19.17
CA ALA A 110 10.90 11.18 -18.50
C ALA A 110 9.76 12.19 -18.53
N GLN A 111 8.99 12.27 -19.62
CA GLN A 111 7.91 13.26 -19.64
C GLN A 111 6.84 12.91 -18.61
N ARG A 112 6.67 11.61 -18.29
CA ARG A 112 5.75 11.24 -17.23
C ARG A 112 6.30 11.70 -15.89
N MET A 113 7.60 11.48 -15.68
CA MET A 113 8.22 11.97 -14.45
C MET A 113 8.05 13.48 -14.32
N HIS A 114 8.25 14.22 -15.40
CA HIS A 114 8.11 15.67 -15.36
C HIS A 114 6.71 16.07 -14.91
N ASP A 115 5.68 15.47 -15.52
CA ASP A 115 4.32 15.78 -15.13
C ASP A 115 4.07 15.49 -13.65
N MET A 116 4.55 14.34 -13.18
CA MET A 116 4.31 13.95 -11.80
C MET A 116 4.94 14.95 -10.85
N LEU A 117 6.20 15.31 -11.10
CA LEU A 117 6.89 16.23 -10.19
C LEU A 117 6.30 17.63 -10.25
N ASP A 118 5.85 18.06 -11.43
CA ASP A 118 5.30 19.41 -11.57
C ASP A 118 3.93 19.52 -10.91
N LEU A 119 3.04 18.57 -11.18
CA LEU A 119 1.73 18.61 -10.55
C LEU A 119 1.83 18.59 -9.04
N ALA A 120 2.76 17.79 -8.51
CA ALA A 120 2.94 17.67 -7.07
C ALA A 120 3.70 18.82 -6.45
N GLY A 121 4.35 19.68 -7.25
CA GLY A 121 5.22 20.69 -6.68
C GLY A 121 6.37 20.08 -5.90
N ALA A 122 6.86 18.94 -6.37
CA ALA A 122 7.92 18.24 -5.67
C ALA A 122 9.11 19.16 -5.46
N LYS A 123 9.77 18.99 -4.31
CA LYS A 123 10.92 19.82 -3.94
C LYS A 123 12.25 19.21 -4.36
N ALA A 124 12.30 17.90 -4.58
CA ALA A 124 13.54 17.23 -4.94
C ALA A 124 13.20 15.85 -5.48
N LEU A 125 14.20 15.23 -6.11
CA LEU A 125 14.10 13.90 -6.70
C LEU A 125 15.29 13.08 -6.21
N ILE A 126 15.00 11.88 -5.71
CA ILE A 126 16.04 10.92 -5.32
C ILE A 126 16.03 9.78 -6.33
N VAL A 127 17.20 9.49 -6.90
CA VAL A 127 17.40 8.39 -7.83
C VAL A 127 18.51 7.52 -7.27
N ASP A 128 18.76 6.39 -7.91
CA ASP A 128 19.97 5.67 -7.54
C ASP A 128 20.99 5.78 -8.67
N ALA A 129 22.12 5.13 -8.48
CA ALA A 129 23.26 5.38 -9.35
C ALA A 129 22.96 4.93 -10.77
N SER A 130 22.22 3.84 -10.93
CA SER A 130 21.92 3.37 -12.28
C SER A 130 21.05 4.38 -13.02
N VAL A 131 20.04 4.94 -12.34
CA VAL A 131 19.20 5.93 -12.97
C VAL A 131 19.99 7.20 -13.27
N ALA A 132 20.84 7.64 -12.33
CA ALA A 132 21.60 8.85 -12.57
C ALA A 132 22.51 8.70 -13.79
N ALA A 133 23.06 7.50 -13.99
CA ALA A 133 23.95 7.27 -15.12
C ALA A 133 23.20 7.20 -16.44
N ALA A 134 21.91 6.87 -16.40
CA ALA A 134 21.14 6.63 -17.62
C ALA A 134 20.45 7.88 -18.16
N GLU A 135 20.43 8.96 -17.38
CA GLU A 135 19.38 9.97 -17.47
C GLU A 135 19.87 11.26 -16.84
N PRO A 136 19.67 12.41 -17.47
CA PRO A 136 20.14 13.67 -16.87
C PRO A 136 19.20 14.23 -15.81
N ALA A 137 19.78 14.95 -14.86
CA ALA A 137 18.99 15.83 -14.01
C ALA A 137 18.38 16.95 -14.84
N VAL A 138 17.29 17.51 -14.34
CA VAL A 138 16.54 18.56 -15.04
C VAL A 138 16.68 19.85 -14.26
N ALA A 139 17.06 20.93 -14.94
CA ALA A 139 17.16 22.22 -14.27
C ALA A 139 15.86 22.54 -13.56
N GLY A 140 15.97 23.08 -12.35
CA GLY A 140 14.80 23.38 -11.55
C GLY A 140 14.32 22.26 -10.66
N MET A 141 14.82 21.04 -10.86
CA MET A 141 14.43 19.89 -10.02
C MET A 141 15.70 19.31 -9.41
N PRO A 142 16.04 19.72 -8.18
CA PRO A 142 17.21 19.15 -7.51
C PRO A 142 17.12 17.63 -7.49
N ARG A 143 18.21 16.98 -7.88
CA ARG A 143 18.29 15.52 -7.88
C ARG A 143 19.48 15.11 -7.03
N ILE A 144 19.31 14.03 -6.27
CA ILE A 144 20.35 13.52 -5.38
C ILE A 144 20.26 12.00 -5.45
N VAL A 145 21.37 11.33 -5.09
CA VAL A 145 21.56 9.93 -5.42
C VAL A 145 21.63 9.09 -4.16
N PHE A 146 20.82 8.02 -4.16
CA PHE A 146 20.75 7.08 -3.04
C PHE A 146 22.13 6.66 -2.56
N ASP A 147 22.99 6.27 -3.51
CA ASP A 147 24.28 5.68 -3.14
C ASP A 147 25.09 6.65 -2.28
N ASP A 148 24.99 7.95 -2.57
CA ASP A 148 25.66 8.95 -1.73
C ASP A 148 24.97 9.13 -0.40
N LEU A 149 23.63 9.12 -0.41
CA LEU A 149 22.88 9.37 0.82
C LEU A 149 23.12 8.28 1.87
N VAL A 150 23.35 7.03 1.44
CA VAL A 150 23.37 5.90 2.39
C VAL A 150 24.78 5.57 2.87
N MET A 151 25.80 6.27 2.39
CA MET A 151 27.18 5.98 2.76
C MET A 151 27.36 5.93 4.27
N ASP A 152 28.28 5.06 4.68
CA ASP A 152 28.67 4.90 6.07
C ASP A 152 28.99 6.24 6.71
N ASP A 153 28.52 6.39 7.95
CA ASP A 153 28.96 7.46 8.85
C ASP A 153 28.29 7.18 10.19
N PRO A 154 29.00 6.66 11.19
CA PRO A 154 28.34 6.33 12.47
C PRO A 154 27.78 7.53 13.20
N LEU A 155 28.12 8.75 12.81
CA LEU A 155 27.55 9.91 13.46
C LEU A 155 26.16 10.27 12.95
N LEU A 156 25.72 9.65 11.87
CA LEU A 156 24.47 10.02 11.20
C LEU A 156 23.40 8.95 11.35
N GLU A 157 23.49 8.09 12.36
CA GLU A 157 22.65 6.89 12.45
C GLU A 157 21.55 6.98 13.50
N ASP A 158 21.38 8.10 14.17
CA ASP A 158 20.28 8.24 15.12
C ASP A 158 18.99 8.64 14.41
N ASN A 159 17.86 8.30 15.04
CA ASN A 159 16.57 8.68 14.49
C ASN A 159 16.46 10.20 14.44
N PRO A 160 15.95 10.77 13.35
CA PRO A 160 15.83 12.24 13.31
C PRO A 160 14.90 12.80 14.37
N GLU A 161 13.87 12.05 14.76
CA GLU A 161 12.90 12.52 15.75
C GLU A 161 12.26 13.85 15.34
N VAL A 162 12.02 13.98 14.04
CA VAL A 162 11.13 15.04 13.56
C VAL A 162 9.70 14.69 13.93
N HIS A 163 8.91 15.70 14.28
CA HIS A 163 7.52 15.44 14.64
C HIS A 163 6.69 15.10 13.41
N LEU A 164 5.99 13.98 13.47
CA LEU A 164 5.05 13.55 12.42
C LEU A 164 3.63 13.60 12.96
N SER A 165 2.70 14.11 12.15
CA SER A 165 1.29 14.10 12.49
CA SER A 165 1.30 14.11 12.49
C SER A 165 0.52 13.19 11.55
N GLY A 166 -0.53 12.57 12.08
CA GLY A 166 -1.32 11.64 11.26
C GLY A 166 -1.93 12.31 10.06
N ASN A 167 -2.19 13.61 10.14
CA ASN A 167 -2.79 14.32 9.02
C ASN A 167 -1.81 14.75 7.96
N ASP A 168 -0.51 14.54 8.19
CA ASP A 168 0.50 14.88 7.22
C ASP A 168 0.46 13.89 6.05
N LEU A 169 0.86 14.36 4.87
CA LEU A 169 1.00 13.44 3.74
C LEU A 169 2.05 12.38 4.02
N SER A 170 1.78 11.16 3.57
CA SER A 170 2.81 10.14 3.47
C SER A 170 3.21 9.83 2.04
N TYR A 171 2.27 9.88 1.09
CA TYR A 171 2.66 9.69 -0.29
C TYR A 171 1.60 10.26 -1.21
N VAL A 172 2.04 10.56 -2.43
CA VAL A 172 1.18 10.92 -3.54
C VAL A 172 1.39 9.87 -4.61
N LEU A 173 0.29 9.24 -5.04
CA LEU A 173 0.34 8.14 -5.99
C LEU A 173 -0.47 8.49 -7.22
N PHE A 174 0.20 8.50 -8.37
CA PHE A 174 -0.41 8.88 -9.63
C PHE A 174 -1.04 7.70 -10.36
N THR A 175 -2.20 7.97 -10.96
CA THR A 175 -2.88 7.04 -11.86
C THR A 175 -3.20 7.75 -13.15
N THR A 179 -5.27 9.19 -22.25
CA THR A 179 -5.63 8.97 -20.86
C THR A 179 -5.63 10.24 -20.00
N GLY A 180 -5.26 11.38 -20.60
CA GLY A 180 -5.16 12.63 -19.87
C GLY A 180 -3.89 12.74 -19.03
N LYS A 181 -3.74 13.87 -18.35
CA LYS A 181 -2.64 14.00 -17.39
C LYS A 181 -2.89 13.05 -16.22
N PRO A 182 -1.84 12.53 -15.60
CA PRO A 182 -2.01 11.63 -14.45
C PRO A 182 -2.57 12.36 -13.25
N LYS A 183 -3.32 11.63 -12.43
CA LYS A 183 -3.93 12.21 -11.22
C LYS A 183 -3.22 11.69 -9.99
N GLY A 184 -2.69 12.61 -9.18
CA GLY A 184 -1.92 12.20 -8.02
C GLY A 184 -2.70 12.24 -6.71
N ALA A 185 -3.15 11.08 -6.24
CA ALA A 185 -3.95 10.98 -5.03
C ALA A 185 -3.08 11.23 -3.81
N MET A 186 -3.56 12.08 -2.90
CA MET A 186 -2.82 12.47 -1.70
C MET A 186 -3.27 11.64 -0.53
N ILE A 187 -2.35 10.85 0.03
CA ILE A 187 -2.63 9.96 1.15
C ILE A 187 -1.86 10.43 2.37
N GLU A 188 -2.53 10.40 3.50
CA GLU A 188 -1.97 10.85 4.77
C GLU A 188 -1.53 9.66 5.62
N HIS A 189 -0.62 9.96 6.56
CA HIS A 189 -0.08 8.94 7.45
C HIS A 189 -1.17 8.17 8.18
N ILE A 190 -2.22 8.84 8.65
CA ILE A 190 -3.20 8.15 9.46
C ILE A 190 -4.04 7.21 8.59
N GLY A 191 -4.32 7.60 7.34
CA GLY A 191 -5.03 6.69 6.47
C GLY A 191 -4.19 5.49 6.10
N MET A 192 -2.90 5.73 5.86
CA MET A 192 -1.97 4.64 5.58
C MET A 192 -1.87 3.69 6.76
N LEU A 193 -1.79 4.25 7.96
CA LEU A 193 -1.75 3.44 9.16
C LEU A 193 -3.04 2.64 9.32
N ASN A 194 -4.19 3.25 9.06
CA ASN A 194 -5.45 2.52 9.24
C ASN A 194 -5.55 1.32 8.30
N ASN A 195 -5.09 1.48 7.06
CA ASN A 195 -5.11 0.36 6.15
C ASN A 195 -4.22 -0.77 6.69
N ILE A 196 -3.02 -0.40 7.14
CA ILE A 196 -2.09 -1.38 7.71
C ILE A 196 -2.67 -2.02 8.98
N ALA A 197 -3.33 -1.25 9.83
CA ALA A 197 -3.86 -1.80 11.07
C ALA A 197 -4.96 -2.82 10.81
N ASN A 198 -5.86 -2.49 9.89
CA ASN A 198 -6.90 -3.43 9.51
C ASN A 198 -6.31 -4.69 8.92
N LYS A 199 -5.31 -4.54 8.05
CA LYS A 199 -4.69 -5.70 7.42
C LYS A 199 -3.92 -6.54 8.43
N ALA A 200 -3.21 -5.91 9.36
CA ALA A 200 -2.48 -6.68 10.35
C ALA A 200 -3.43 -7.56 11.16
N LEU A 201 -4.62 -7.03 11.49
CA LEU A 201 -5.60 -7.84 12.20
C LEU A 201 -6.19 -8.94 11.31
N ASP A 202 -6.63 -8.58 10.11
CA ASP A 202 -7.34 -9.55 9.28
C ASP A 202 -6.41 -10.60 8.70
N LEU A 203 -5.12 -10.29 8.54
CA LEU A 203 -4.13 -11.27 8.13
C LEU A 203 -3.46 -11.97 9.32
N ALA A 204 -3.96 -11.77 10.53
CA ALA A 204 -3.45 -12.45 11.73
C ALA A 204 -1.94 -12.33 11.84
N MET A 205 -1.43 -11.12 11.63
CA MET A 205 0.01 -10.93 11.60
C MET A 205 0.63 -10.94 12.99
N ASP A 206 1.89 -11.33 13.03
CA ASP A 206 2.70 -11.26 14.22
C ASP A 206 4.14 -11.07 13.81
N GLU A 207 5.06 -11.19 14.77
CA GLU A 207 6.46 -10.90 14.51
C GLU A 207 7.08 -11.91 13.58
N ASP A 208 6.40 -13.02 13.31
CA ASP A 208 6.92 -14.05 12.43
C ASP A 208 6.37 -13.92 11.01
N SER A 209 5.55 -12.90 10.77
CA SER A 209 4.98 -12.73 9.45
C SER A 209 6.07 -12.48 8.42
N ARG A 210 5.89 -13.05 7.23
CA ARG A 210 6.79 -12.88 6.10
C ARG A 210 5.93 -12.46 4.93
N VAL A 211 6.06 -11.20 4.51
CA VAL A 211 5.15 -10.56 3.57
C VAL A 211 5.86 -10.27 2.26
N ALA A 212 5.21 -10.63 1.15
CA ALA A 212 5.75 -10.35 -0.17
C ALA A 212 5.50 -8.90 -0.57
N GLN A 213 6.53 -8.26 -1.13
CA GLN A 213 6.38 -6.96 -1.79
C GLN A 213 6.65 -7.25 -3.28
N ASN A 214 5.57 -7.65 -3.97
CA ASN A 214 5.62 -8.04 -5.37
C ASN A 214 4.94 -7.06 -6.33
N ALA A 215 4.06 -6.18 -5.84
CA ALA A 215 3.38 -5.28 -6.74
C ALA A 215 4.29 -4.19 -7.25
N SER A 216 3.97 -3.68 -8.42
CA SER A 216 4.63 -2.51 -8.98
C SER A 216 4.51 -1.30 -8.07
N MET A 217 5.57 -0.49 -8.06
CA MET A 217 5.58 0.68 -7.19
C MET A 217 4.66 1.76 -7.75
N SER A 218 4.14 1.58 -8.94
CA SER A 218 3.11 2.49 -9.43
C SER A 218 1.74 2.18 -8.86
N PHE A 219 1.58 1.08 -8.12
CA PHE A 219 0.32 0.69 -7.51
C PHE A 219 0.37 0.92 -6.01
N ASP A 220 -0.71 1.46 -5.45
CA ASP A 220 -0.65 1.84 -4.05
C ASP A 220 -0.46 0.65 -3.13
N VAL A 221 -0.83 -0.56 -3.57
CA VAL A 221 -0.68 -1.70 -2.68
C VAL A 221 0.78 -2.00 -2.39
N SER A 222 1.70 -1.49 -3.20
CA SER A 222 3.11 -1.71 -2.92
C SER A 222 3.53 -1.07 -1.60
N VAL A 223 2.77 -0.09 -1.12
CA VAL A 223 3.15 0.61 0.11
C VAL A 223 2.93 -0.29 1.32
N TRP A 224 1.70 -0.79 1.54
CA TRP A 224 1.50 -1.66 2.70
C TRP A 224 2.34 -2.93 2.56
N GLN A 225 2.49 -3.44 1.35
CA GLN A 225 3.32 -4.62 1.16
C GLN A 225 4.75 -4.39 1.64
N MET A 226 5.30 -3.20 1.38
CA MET A 226 6.68 -2.97 1.74
C MET A 226 6.84 -2.80 3.24
N PHE A 227 5.84 -2.21 3.91
CA PHE A 227 6.08 -1.72 5.26
C PHE A 227 5.31 -2.44 6.35
N ILE A 228 4.26 -3.20 6.02
CA ILE A 228 3.43 -3.73 7.10
C ILE A 228 4.24 -4.63 8.02
N ALA A 229 5.09 -5.50 7.48
CA ALA A 229 5.86 -6.40 8.34
C ALA A 229 6.77 -5.62 9.28
N LEU A 230 7.28 -4.47 8.83
CA LEU A 230 8.19 -3.64 9.61
C LEU A 230 7.48 -2.99 10.79
N THR A 231 6.15 -2.92 10.75
CA THR A 231 5.38 -2.43 11.90
C THR A 231 5.05 -3.51 12.90
N LYS A 232 5.39 -4.77 12.60
CA LYS A 232 5.04 -5.91 13.42
C LYS A 232 6.24 -6.73 13.91
N GLY A 233 7.46 -6.39 13.48
CA GLY A 233 8.62 -7.19 13.83
C GLY A 233 8.92 -8.32 12.89
N GLY A 234 8.16 -8.44 11.79
CA GLY A 234 8.33 -9.50 10.82
C GLY A 234 9.26 -9.06 9.71
N THR A 235 9.16 -9.74 8.57
CA THR A 235 10.11 -9.54 7.49
C THR A 235 9.39 -9.25 6.18
N THR A 236 9.85 -8.22 5.47
CA THR A 236 9.42 -7.95 4.10
C THR A 236 10.36 -8.66 3.14
N PHE A 237 9.80 -9.39 2.15
CA PHE A 237 10.56 -10.00 1.07
C PHE A 237 10.21 -9.25 -0.21
N VAL A 238 11.17 -8.51 -0.74
CA VAL A 238 10.95 -7.75 -1.97
C VAL A 238 11.19 -8.68 -3.14
N TYR A 239 10.17 -8.83 -3.98
CA TYR A 239 10.24 -9.68 -5.19
C TYR A 239 10.12 -8.74 -6.39
N ASP A 240 11.25 -8.52 -7.06
CA ASP A 240 11.33 -7.53 -8.12
C ASP A 240 10.75 -8.08 -9.42
N ASP A 241 10.76 -7.25 -10.47
CA ASP A 241 10.06 -7.63 -11.70
C ASP A 241 10.66 -8.89 -12.29
N ARG A 242 11.97 -9.05 -12.19
CA ARG A 242 12.57 -10.25 -12.76
C ARG A 242 12.06 -11.50 -12.05
N VAL A 243 11.92 -11.44 -10.73
CA VAL A 243 11.42 -12.59 -9.97
C VAL A 243 9.95 -12.84 -10.27
N VAL A 244 9.12 -11.79 -10.23
CA VAL A 244 7.70 -12.03 -10.43
C VAL A 244 7.40 -12.47 -11.85
N ASN A 245 8.24 -12.09 -12.83
CA ASN A 245 7.95 -12.49 -14.20
C ASN A 245 8.22 -13.97 -14.45
N ASP A 246 8.88 -14.66 -13.54
CA ASP A 246 9.23 -16.08 -13.65
C ASP A 246 8.35 -16.80 -12.65
N ILE A 247 7.19 -17.27 -13.09
CA ILE A 247 6.24 -17.88 -12.15
C ILE A 247 6.90 -19.00 -11.36
N ALA A 248 7.58 -19.90 -12.06
CA ALA A 248 8.21 -21.03 -11.37
C ALA A 248 9.20 -20.54 -10.32
N GLY A 249 9.95 -19.49 -10.65
CA GLY A 249 10.94 -18.96 -9.74
C GLY A 249 10.31 -18.27 -8.54
N LEU A 250 9.22 -17.55 -8.76
CA LEU A 250 8.55 -16.93 -7.63
C LEU A 250 7.99 -17.99 -6.68
N ILE A 251 7.34 -19.02 -7.23
CA ILE A 251 6.81 -20.07 -6.38
C ILE A 251 7.93 -20.70 -5.56
N GLN A 252 9.07 -20.98 -6.20
CA GLN A 252 10.17 -21.60 -5.47
C GLN A 252 10.70 -20.66 -4.40
N ARG A 253 10.77 -19.36 -4.70
CA ARG A 253 11.21 -18.37 -3.72
C ARG A 253 10.26 -18.34 -2.52
N MET A 254 8.95 -18.34 -2.77
CA MET A 254 7.98 -18.30 -1.67
C MET A 254 8.10 -19.55 -0.82
N HIS A 255 8.38 -20.69 -1.45
CA HIS A 255 8.64 -21.90 -0.68
C HIS A 255 9.89 -21.75 0.19
N THR A 256 11.02 -21.36 -0.42
CA THR A 256 12.25 -21.34 0.36
CA THR A 256 12.27 -21.30 0.33
C THR A 256 12.26 -20.22 1.40
N ASP A 257 11.52 -19.14 1.16
CA ASP A 257 11.41 -18.03 2.11
C ASP A 257 10.36 -18.29 3.18
N SER A 258 9.60 -19.38 3.06
CA SER A 258 8.50 -19.68 3.98
C SER A 258 7.58 -18.48 4.11
N LEU A 259 7.26 -17.88 2.97
CA LEU A 259 6.40 -16.70 2.93
C LEU A 259 5.04 -17.01 3.55
N THR A 260 4.49 -16.05 4.31
CA THR A 260 3.17 -16.26 4.88
C THR A 260 2.05 -15.43 4.25
N ILE A 261 2.34 -14.27 3.68
CA ILE A 261 1.33 -13.36 3.16
C ILE A 261 1.70 -12.90 1.75
N LEU A 262 0.75 -13.05 0.82
CA LEU A 262 0.90 -12.71 -0.59
C LEU A 262 -0.37 -12.06 -1.12
N GLU A 263 -0.21 -10.93 -1.79
CA GLU A 263 -1.30 -10.28 -2.49
C GLU A 263 -1.01 -10.28 -3.99
N VAL A 264 -2.03 -10.63 -4.78
CA VAL A 264 -1.90 -10.69 -6.24
C VAL A 264 -3.18 -10.18 -6.89
N VAL A 265 -3.11 -9.90 -8.19
CA VAL A 265 -4.31 -9.65 -8.98
C VAL A 265 -4.78 -10.96 -9.62
N PRO A 266 -6.04 -11.05 -10.07
CA PRO A 266 -6.57 -12.36 -10.52
C PRO A 266 -5.81 -12.99 -11.67
N THR A 267 -5.33 -12.21 -12.64
CA THR A 267 -4.63 -12.87 -13.74
C THR A 267 -3.30 -13.49 -13.28
N TYR A 268 -2.64 -12.88 -12.31
CA TYR A 268 -1.44 -13.48 -11.75
C TYR A 268 -1.78 -14.68 -10.88
N LEU A 269 -2.85 -14.58 -10.10
CA LEU A 269 -3.37 -15.73 -9.36
C LEU A 269 -3.57 -16.92 -10.30
N GLN A 270 -4.20 -16.67 -11.44
CA GLN A 270 -4.41 -17.72 -12.42
C GLN A 270 -3.09 -18.34 -12.86
N ALA A 271 -2.08 -17.52 -13.12
CA ALA A 271 -0.79 -18.08 -13.53
C ALA A 271 -0.19 -18.98 -12.46
N LEU A 272 -0.27 -18.55 -11.20
CA LEU A 272 0.21 -19.36 -10.09
C LEU A 272 -0.52 -20.68 -9.98
N VAL A 273 -1.85 -20.62 -10.05
CA VAL A 273 -2.70 -21.81 -9.94
C VAL A 273 -2.38 -22.77 -11.07
N GLU A 274 -2.38 -22.26 -12.31
CA GLU A 274 -2.05 -23.11 -13.44
C GLU A 274 -0.70 -23.79 -13.27
N TYR A 275 0.32 -23.03 -12.83
CA TYR A 275 1.64 -23.63 -12.70
C TYR A 275 1.63 -24.77 -11.69
N MET A 276 1.04 -24.54 -10.51
CA MET A 276 1.04 -25.59 -9.49
C MET A 276 0.25 -26.81 -9.95
N GLU A 277 -0.88 -26.59 -10.66
CA GLU A 277 -1.65 -27.72 -11.20
C GLU A 277 -0.84 -28.52 -12.22
N GLU A 278 -0.07 -27.82 -13.05
CA GLU A 278 0.69 -28.47 -14.12
C GLU A 278 1.97 -29.10 -13.59
N HIS A 279 2.44 -28.65 -12.43
CA HIS A 279 3.68 -29.15 -11.83
C HIS A 279 3.44 -29.60 -10.39
N PRO A 280 2.61 -30.62 -10.18
CA PRO A 280 2.32 -31.04 -8.79
C PRO A 280 3.51 -31.61 -8.05
N ASP A 281 4.60 -31.90 -8.75
CA ASP A 281 5.82 -32.36 -8.09
C ASP A 281 6.59 -31.24 -7.41
N CYS A 282 6.43 -30.00 -7.85
CA CYS A 282 7.32 -28.94 -7.38
C CYS A 282 6.95 -28.47 -5.97
N PRO A 283 7.93 -27.96 -5.22
CA PRO A 283 7.60 -27.32 -3.95
C PRO A 283 6.62 -26.16 -4.14
N ARG A 284 5.78 -25.97 -3.13
CA ARG A 284 4.70 -25.00 -3.13
C ARG A 284 4.86 -24.05 -1.97
N PRO A 285 4.13 -22.95 -1.99
CA PRO A 285 4.16 -21.98 -0.88
C PRO A 285 3.34 -22.47 0.30
N ALA A 286 3.86 -23.49 0.95
CA ALA A 286 3.08 -24.20 1.95
C ALA A 286 2.99 -23.45 3.26
N ALA A 287 3.78 -22.40 3.45
CA ALA A 287 3.71 -21.59 4.66
C ALA A 287 2.72 -20.44 4.55
N LEU A 288 2.11 -20.25 3.38
CA LEU A 288 1.18 -19.14 3.23
C LEU A 288 -0.01 -19.34 4.14
N THR A 289 -0.31 -18.30 4.92
CA THR A 289 -1.52 -18.26 5.73
C THR A 289 -2.62 -17.47 5.07
N PHE A 290 -2.26 -16.46 4.28
CA PHE A 290 -3.23 -15.62 3.59
C PHE A 290 -2.75 -15.26 2.20
N MET A 291 -3.66 -15.38 1.24
CA MET A 291 -3.51 -14.83 -0.08
C MET A 291 -4.61 -13.78 -0.21
N MET A 292 -4.21 -12.57 -0.59
CA MET A 292 -5.14 -11.49 -0.84
C MET A 292 -5.22 -11.27 -2.34
N VAL A 293 -6.43 -11.11 -2.86
CA VAL A 293 -6.60 -10.84 -4.29
C VAL A 293 -7.22 -9.45 -4.41
N ASN A 294 -6.78 -8.69 -5.40
CA ASN A 294 -7.33 -7.34 -5.56
C ASN A 294 -7.11 -6.86 -6.99
N GLY A 295 -7.76 -5.76 -7.33
CA GLY A 295 -7.42 -5.06 -8.56
C GLY A 295 -8.43 -5.23 -9.67
N GLU A 296 -8.99 -6.42 -9.74
CA GLU A 296 -10.01 -6.78 -10.72
C GLU A 296 -10.86 -7.89 -10.10
N THR A 297 -11.97 -8.17 -10.76
CA THR A 297 -12.92 -9.16 -10.26
CA THR A 297 -12.92 -9.16 -10.26
C THR A 297 -12.33 -10.57 -10.31
N VAL A 298 -12.42 -11.28 -9.18
CA VAL A 298 -11.96 -12.67 -9.04
C VAL A 298 -13.17 -13.59 -9.18
N ASP A 299 -12.97 -14.79 -9.68
CA ASP A 299 -14.11 -15.69 -9.78
C ASP A 299 -13.96 -16.88 -8.84
N ALA A 300 -15.14 -17.39 -8.47
CA ALA A 300 -15.22 -18.40 -7.43
C ALA A 300 -14.42 -19.64 -7.81
N ALA A 301 -14.51 -20.09 -9.07
CA ALA A 301 -13.86 -21.34 -9.43
C ALA A 301 -12.35 -21.23 -9.29
N LEU A 302 -11.79 -20.07 -9.59
CA LEU A 302 -10.36 -19.88 -9.42
C LEU A 302 -9.99 -19.90 -7.96
N LEU A 303 -10.80 -19.25 -7.12
CA LEU A 303 -10.56 -19.31 -5.67
C LEU A 303 -10.58 -20.75 -5.17
N LYS A 304 -11.54 -21.54 -5.64
CA LYS A 304 -11.61 -22.92 -5.19
C LYS A 304 -10.40 -23.72 -5.66
N ARG A 305 -9.92 -23.45 -6.87
CA ARG A 305 -8.69 -24.09 -7.32
C ARG A 305 -7.50 -23.69 -6.46
N TRP A 306 -7.42 -22.42 -6.07
CA TRP A 306 -6.36 -21.99 -5.16
C TRP A 306 -6.45 -22.75 -3.84
N PHE A 307 -7.65 -22.82 -3.27
CA PHE A 307 -7.80 -23.49 -1.98
C PHE A 307 -7.43 -24.95 -2.07
N ALA A 308 -7.64 -25.60 -3.23
CA ALA A 308 -7.23 -27.00 -3.35
C ALA A 308 -5.72 -27.15 -3.26
N LEU A 309 -4.98 -26.17 -3.80
CA LEU A 309 -3.53 -26.21 -3.85
C LEU A 309 -2.91 -25.74 -2.55
N CYS A 310 -3.57 -24.81 -1.84
CA CYS A 310 -3.04 -24.19 -0.63
C CYS A 310 -4.11 -24.28 0.46
N PRO A 311 -4.39 -25.49 0.92
CA PRO A 311 -5.51 -25.71 1.86
C PRO A 311 -5.30 -25.11 3.23
N ALA A 312 -4.08 -24.71 3.55
CA ALA A 312 -3.78 -24.10 4.85
C ALA A 312 -3.95 -22.60 4.83
N SER A 313 -4.30 -22.04 3.68
CA SER A 313 -4.44 -20.60 3.55
C SER A 313 -5.90 -20.19 3.67
N LYS A 314 -6.10 -18.92 3.98
CA LYS A 314 -7.36 -18.22 3.79
C LYS A 314 -7.14 -17.20 2.68
N VAL A 315 -8.23 -16.73 2.10
CA VAL A 315 -8.15 -15.75 1.03
C VAL A 315 -8.94 -14.51 1.41
N ILE A 316 -8.39 -13.34 1.11
CA ILE A 316 -9.12 -12.09 1.28
C ILE A 316 -9.29 -11.45 -0.09
N ASN A 317 -10.55 -11.23 -0.48
CA ASN A 317 -10.86 -10.40 -1.64
C ASN A 317 -10.88 -8.97 -1.14
N ALA A 318 -10.07 -8.11 -1.72
CA ALA A 318 -9.91 -6.75 -1.21
C ALA A 318 -10.29 -5.73 -2.26
N TYR A 319 -10.97 -4.67 -1.83
CA TYR A 319 -11.41 -3.63 -2.75
C TYR A 319 -11.23 -2.27 -2.13
N GLY A 320 -10.81 -1.32 -2.96
CA GLY A 320 -10.94 0.06 -2.61
C GLY A 320 -10.07 0.96 -3.47
N PRO A 321 -10.37 2.26 -3.40
CA PRO A 321 -9.69 3.24 -4.24
C PRO A 321 -8.40 3.75 -3.62
N THR A 322 -7.43 4.05 -4.49
CA THR A 322 -6.18 4.67 -4.05
C THR A 322 -6.47 5.89 -3.19
N GLU A 323 -7.53 6.59 -3.53
CA GLU A 323 -7.94 7.82 -2.86
C GLU A 323 -8.31 7.65 -1.41
N ALA A 324 -8.61 6.42 -0.97
CA ALA A 324 -8.96 6.17 0.42
C ALA A 324 -7.94 5.26 1.08
N SER A 325 -6.70 5.35 0.62
CA SER A 325 -5.52 4.83 1.29
C SER A 325 -5.35 3.32 1.12
N ASP A 326 -5.98 2.75 0.09
CA ASP A 326 -5.83 1.38 -0.44
C ASP A 326 -7.20 0.71 -0.41
N ASP A 327 -7.54 -0.06 0.63
CA ASP A 327 -8.79 -0.79 0.62
C ASP A 327 -9.81 -0.15 1.56
N ILE A 328 -11.08 -0.30 1.18
CA ILE A 328 -12.18 0.00 2.09
C ILE A 328 -13.03 -1.21 2.43
N THR A 329 -12.86 -2.35 1.74
CA THR A 329 -13.52 -3.58 2.17
C THR A 329 -12.54 -4.75 2.07
N HIS A 330 -12.76 -5.75 2.95
CA HIS A 330 -12.10 -7.05 2.90
C HIS A 330 -13.18 -8.14 2.95
N HIS A 331 -13.07 -9.15 2.10
CA HIS A 331 -13.96 -10.32 2.16
C HIS A 331 -13.10 -11.54 2.50
N ILE A 332 -13.18 -12.02 3.75
CA ILE A 332 -12.33 -13.12 4.19
C ILE A 332 -13.03 -14.44 3.95
N MET A 333 -12.33 -15.36 3.28
CA MET A 333 -12.88 -16.65 2.90
C MET A 333 -11.97 -17.77 3.39
N SER A 334 -12.57 -18.87 3.80
CA SER A 334 -11.86 -20.07 4.18
C SER A 334 -12.19 -21.20 3.22
N PRO A 335 -11.31 -22.21 3.13
CA PRO A 335 -11.53 -23.29 2.17
C PRO A 335 -12.90 -23.96 2.28
N GLY A 336 -13.43 -24.13 3.48
CA GLY A 336 -14.71 -24.81 3.54
C GLY A 336 -15.91 -24.00 3.09
N ASP A 337 -15.72 -22.72 2.77
CA ASP A 337 -16.85 -21.82 2.61
C ASP A 337 -17.60 -22.07 1.30
N GLU A 338 -18.86 -21.63 1.30
CA GLU A 338 -19.68 -21.63 0.10
C GLU A 338 -19.24 -20.44 -0.74
N ILE A 339 -18.46 -20.70 -1.78
CA ILE A 339 -17.88 -19.65 -2.58
C ILE A 339 -18.49 -19.72 -3.96
N VAL A 340 -19.22 -18.69 -4.33
CA VAL A 340 -19.99 -18.65 -5.55
C VAL A 340 -19.77 -17.31 -6.23
N ASN A 341 -20.10 -17.27 -7.50
CA ASN A 341 -20.10 -16.02 -8.24
C ASN A 341 -21.45 -15.34 -8.10
N PRO A 342 -21.46 -14.01 -7.93
CA PRO A 342 -20.29 -13.14 -7.85
C PRO A 342 -19.69 -13.17 -6.45
N VAL A 343 -18.38 -13.07 -6.39
CA VAL A 343 -17.67 -13.04 -5.11
C VAL A 343 -17.85 -11.66 -4.49
N PRO A 344 -18.29 -11.57 -3.24
CA PRO A 344 -18.43 -10.26 -2.59
C PRO A 344 -17.10 -9.52 -2.47
N ILE A 345 -17.20 -8.19 -2.39
CA ILE A 345 -16.01 -7.42 -2.02
C ILE A 345 -15.91 -7.25 -0.51
N GLY A 346 -16.97 -7.58 0.24
CA GLY A 346 -16.80 -7.85 1.64
C GLY A 346 -17.30 -6.78 2.59
N ARG A 347 -16.63 -6.73 3.74
CA ARG A 347 -17.02 -5.91 4.88
CA ARG A 347 -17.03 -5.91 4.87
C ARG A 347 -16.17 -4.65 4.94
N ALA A 348 -16.80 -3.54 5.33
CA ALA A 348 -16.06 -2.30 5.52
C ALA A 348 -14.88 -2.50 6.46
N LEU A 349 -13.74 -1.93 6.08
CA LEU A 349 -12.65 -1.81 7.04
C LEU A 349 -13.10 -0.96 8.21
N ALA A 350 -12.53 -1.23 9.38
CA ALA A 350 -12.79 -0.37 10.52
C ALA A 350 -12.30 1.05 10.23
N ASN A 351 -13.04 2.01 10.78
CA ASN A 351 -12.83 3.45 10.77
C ASN A 351 -13.29 4.06 9.45
N PHE A 352 -14.03 3.31 8.65
CA PHE A 352 -14.77 3.83 7.51
C PHE A 352 -16.27 3.64 7.69
N ASP A 353 -17.06 4.51 7.03
CA ASP A 353 -18.48 4.27 6.80
C ASP A 353 -18.65 4.13 5.29
N ILE A 354 -19.48 3.18 4.85
CA ILE A 354 -19.71 2.99 3.42
C ILE A 354 -21.19 3.05 3.16
N TYR A 355 -21.55 3.70 2.05
CA TYR A 355 -22.94 3.86 1.65
C TYR A 355 -23.06 3.53 0.17
N ILE A 356 -24.23 3.01 -0.21
CA ILE A 356 -24.65 2.87 -1.60
C ILE A 356 -25.70 3.94 -1.81
N VAL A 357 -25.44 4.87 -2.73
CA VAL A 357 -26.24 6.09 -2.82
C VAL A 357 -26.67 6.37 -4.25
N ASP A 358 -27.69 7.23 -4.37
CA ASP A 358 -28.14 7.74 -5.66
C ASP A 358 -27.26 8.94 -6.04
N ASP A 359 -27.59 9.59 -7.16
CA ASP A 359 -26.73 10.66 -7.64
C ASP A 359 -26.71 11.86 -6.72
N GLU A 360 -27.65 11.95 -5.79
CA GLU A 360 -27.72 13.03 -4.82
C GLU A 360 -27.14 12.63 -3.46
N LEU A 361 -26.45 11.49 -3.39
CA LEU A 361 -25.83 11.00 -2.17
C LEU A 361 -26.84 10.51 -1.13
N ARG A 362 -28.09 10.21 -1.57
CA ARG A 362 -29.06 9.62 -0.63
C ARG A 362 -28.89 8.11 -0.58
N PRO A 363 -28.71 7.50 0.60
CA PRO A 363 -28.62 6.04 0.65
C PRO A 363 -29.86 5.37 0.08
N VAL A 364 -29.63 4.27 -0.62
CA VAL A 364 -30.71 3.52 -1.28
C VAL A 364 -31.05 2.30 -0.43
N PRO A 365 -32.23 1.70 -0.63
CA PRO A 365 -32.59 0.53 0.19
C PRO A 365 -31.65 -0.64 -0.06
N ILE A 366 -31.47 -1.46 0.96
CA ILE A 366 -30.67 -2.67 0.84
C ILE A 366 -31.08 -3.41 -0.42
N GLY A 367 -30.09 -3.84 -1.20
CA GLY A 367 -30.31 -4.61 -2.41
C GLY A 367 -30.45 -3.79 -3.67
N THR A 368 -30.66 -2.48 -3.56
CA THR A 368 -30.68 -1.60 -4.72
C THR A 368 -29.26 -1.21 -5.11
N ARG A 369 -29.00 -1.20 -6.41
CA ARG A 369 -27.71 -0.77 -6.92
C ARG A 369 -27.59 0.74 -6.84
N GLY A 370 -26.38 1.22 -6.58
CA GLY A 370 -26.08 2.63 -6.54
C GLY A 370 -24.58 2.83 -6.49
N GLU A 371 -24.17 4.08 -6.22
CA GLU A 371 -22.74 4.38 -6.16
C GLU A 371 -22.16 4.03 -4.80
N ILE A 372 -20.99 3.40 -4.82
CA ILE A 372 -20.25 3.19 -3.59
C ILE A 372 -19.58 4.50 -3.21
N VAL A 373 -19.88 5.00 -2.01
CA VAL A 373 -19.20 6.18 -1.51
C VAL A 373 -18.75 5.87 -0.09
N VAL A 374 -17.72 6.58 0.35
CA VAL A 374 -17.04 6.22 1.58
C VAL A 374 -16.64 7.47 2.35
N THR A 375 -16.76 7.39 3.66
CA THR A 375 -16.23 8.40 4.57
C THR A 375 -15.35 7.70 5.58
N GLY A 376 -14.54 8.48 6.30
CA GLY A 376 -13.78 7.92 7.41
C GLY A 376 -12.30 8.25 7.36
N VAL A 377 -11.52 7.60 8.22
CA VAL A 377 -10.18 8.11 8.51
C VAL A 377 -9.24 8.00 7.32
N GLY A 378 -9.50 7.06 6.40
CA GLY A 378 -8.63 6.85 5.27
C GLY A 378 -8.94 7.63 4.03
N VAL A 379 -10.01 8.43 4.01
CA VAL A 379 -10.27 9.26 2.83
C VAL A 379 -9.21 10.35 2.79
N GLY A 380 -8.43 10.38 1.72
CA GLY A 380 -7.32 11.30 1.56
C GLY A 380 -7.75 12.71 1.15
N ARG A 381 -6.76 13.48 0.71
CA ARG A 381 -6.96 14.91 0.47
C ARG A 381 -7.47 15.26 -0.90
N GLY A 382 -7.26 14.41 -1.89
CA GLY A 382 -7.65 14.73 -3.25
C GLY A 382 -6.46 14.56 -4.16
N TYR A 383 -6.49 15.26 -5.30
CA TYR A 383 -5.47 15.11 -6.33
C TYR A 383 -4.58 16.35 -6.32
N VAL A 384 -3.28 16.13 -6.23
CA VAL A 384 -2.36 17.25 -6.05
C VAL A 384 -2.40 18.13 -7.29
N GLY A 385 -2.46 19.43 -7.07
CA GLY A 385 -2.49 20.39 -8.16
C GLY A 385 -3.68 20.36 -9.10
N MET A 386 -4.77 19.65 -8.71
CA MET A 386 -5.96 19.50 -9.56
C MET A 386 -7.21 19.77 -8.71
N ALA A 387 -7.44 21.04 -8.40
CA ALA A 387 -8.58 21.41 -7.56
C ALA A 387 -9.89 21.00 -8.19
N GLY A 388 -10.01 21.13 -9.51
CA GLY A 388 -11.28 20.85 -10.16
C GLY A 388 -11.65 19.38 -10.16
N VAL A 389 -10.72 18.53 -10.61
CA VAL A 389 -11.05 17.12 -10.62
C VAL A 389 -11.20 16.61 -9.20
N THR A 390 -10.44 17.18 -8.25
CA THR A 390 -10.66 16.86 -6.84
C THR A 390 -12.10 17.15 -6.44
N ALA A 391 -12.62 18.32 -6.84
CA ALA A 391 -13.98 18.68 -6.50
C ALA A 391 -14.99 17.75 -7.13
N GLN A 392 -14.65 17.08 -8.23
CA GLN A 392 -15.62 16.16 -8.82
C GLN A 392 -15.87 14.92 -7.96
N ALA A 393 -14.92 14.52 -7.11
CA ALA A 393 -15.02 13.26 -6.37
C ALA A 393 -14.88 13.38 -4.87
N PHE A 394 -14.27 14.45 -4.38
CA PHE A 394 -14.06 14.66 -2.94
C PHE A 394 -14.99 15.79 -2.53
N VAL A 395 -15.98 15.49 -1.70
CA VAL A 395 -17.00 16.46 -1.32
C VAL A 395 -17.24 16.39 0.18
N LYS A 396 -17.88 17.42 0.72
CA LYS A 396 -18.20 17.42 2.13
C LYS A 396 -19.22 16.33 2.41
N SER A 397 -18.96 15.53 3.44
CA SER A 397 -19.88 14.46 3.78
C SER A 397 -21.17 15.06 4.33
N PRO A 398 -22.34 14.64 3.83
CA PRO A 398 -23.61 15.02 4.49
C PRO A 398 -23.97 14.14 5.66
N PHE A 399 -23.10 13.22 6.03
CA PHE A 399 -23.37 12.23 7.04
C PHE A 399 -22.62 12.54 8.33
N PRO A 400 -23.01 11.91 9.44
CA PRO A 400 -22.23 12.04 10.67
C PRO A 400 -20.78 11.67 10.42
N ASP A 401 -19.87 12.37 11.11
CA ASP A 401 -18.46 12.21 10.84
C ASP A 401 -17.66 12.53 12.09
N ARG A 402 -16.63 11.74 12.36
CA ARG A 402 -15.78 12.04 13.50
C ARG A 402 -14.34 12.32 13.09
N TYR A 403 -14.09 12.56 11.81
CA TYR A 403 -12.75 12.85 11.33
C TYR A 403 -12.69 14.24 10.73
N LYS A 404 -12.53 14.33 9.41
CA LYS A 404 -12.36 15.63 8.77
C LYS A 404 -13.51 15.95 7.82
N GLY A 405 -14.61 15.21 7.90
CA GLY A 405 -15.79 15.49 7.12
C GLY A 405 -15.70 15.16 5.66
N ARG A 406 -14.74 14.35 5.26
CA ARG A 406 -14.52 14.04 3.86
C ARG A 406 -15.38 12.89 3.36
N LEU A 407 -15.89 13.02 2.15
CA LEU A 407 -16.54 11.92 1.44
C LEU A 407 -15.84 11.75 0.09
N TYR A 408 -15.65 10.49 -0.31
CA TYR A 408 -15.13 10.16 -1.64
C TYR A 408 -16.17 9.38 -2.42
N ARG A 409 -16.48 9.84 -3.62
CA ARG A 409 -17.33 9.13 -4.58
C ARG A 409 -16.44 8.25 -5.46
N THR A 410 -16.65 6.93 -5.39
CA THR A 410 -15.74 6.01 -6.07
C THR A 410 -15.93 5.98 -7.58
N GLY A 411 -17.11 6.36 -8.07
CA GLY A 411 -17.43 6.12 -9.46
C GLY A 411 -17.74 4.68 -9.77
N ASP A 412 -17.82 3.83 -8.75
CA ASP A 412 -18.15 2.43 -8.88
C ASP A 412 -19.58 2.19 -8.44
N LEU A 413 -20.26 1.30 -9.14
CA LEU A 413 -21.57 0.83 -8.73
C LEU A 413 -21.40 -0.38 -7.84
N GLY A 414 -22.33 -0.52 -6.89
CA GLY A 414 -22.32 -1.65 -6.00
C GLY A 414 -23.69 -1.77 -5.37
N ALA A 415 -23.81 -2.75 -4.49
CA ALA A 415 -25.02 -2.97 -3.72
C ALA A 415 -24.61 -3.55 -2.39
N MET A 416 -25.49 -3.39 -1.40
CA MET A 416 -25.19 -3.84 -0.04
C MET A 416 -26.21 -4.90 0.34
N ARG A 417 -25.72 -5.99 0.91
CA ARG A 417 -26.57 -7.08 1.38
C ARG A 417 -27.11 -6.73 2.77
N GLU A 418 -28.11 -7.51 3.20
CA GLU A 418 -28.75 -7.26 4.48
C GLU A 418 -27.76 -7.34 5.62
N ASP A 419 -26.75 -8.21 5.51
CA ASP A 419 -25.73 -8.33 6.53
C ASP A 419 -24.65 -7.28 6.40
N GLY A 420 -24.79 -6.33 5.47
CA GLY A 420 -23.81 -5.29 5.31
C GLY A 420 -22.65 -5.65 4.40
N VAL A 421 -22.58 -6.88 3.91
CA VAL A 421 -21.57 -7.26 2.95
C VAL A 421 -21.81 -6.54 1.63
N LEU A 422 -20.74 -5.99 1.07
CA LEU A 422 -20.83 -5.24 -0.18
C LEU A 422 -20.52 -6.09 -1.41
N MET A 423 -21.21 -5.73 -2.50
CA MET A 423 -21.10 -6.36 -3.81
C MET A 423 -20.73 -5.28 -4.82
N PHE A 424 -19.82 -5.64 -5.73
CA PHE A 424 -19.30 -4.72 -6.74
C PHE A 424 -20.03 -4.96 -8.05
N HIS A 425 -20.47 -3.87 -8.71
CA HIS A 425 -21.28 -3.99 -9.92
C HIS A 425 -20.76 -3.15 -11.09
N GLY A 426 -19.46 -2.87 -11.12
CA GLY A 426 -18.88 -2.19 -12.27
C GLY A 426 -18.80 -0.69 -12.11
N ARG A 427 -18.40 -0.03 -13.20
CA ARG A 427 -18.27 1.42 -13.19
C ARG A 427 -19.62 2.09 -13.44
N LYS A 428 -19.84 3.20 -12.73
CA LYS A 428 -21.04 4.03 -12.90
C LYS A 428 -20.90 4.95 -14.12
C1 EDO B . 8.34 -3.70 20.04
O1 EDO B . 7.87 -3.84 21.38
C2 EDO B . 7.42 -2.77 19.28
O2 EDO B . 6.73 -1.96 20.24
H11 EDO B . 8.37 -4.68 19.55
H12 EDO B . 9.35 -3.29 20.05
HO1 EDO B . 8.41 -4.48 21.85
H21 EDO B . 6.69 -3.35 18.70
H22 EDO B . 7.98 -2.16 18.58
HO2 EDO B . 6.98 -1.03 20.10
C1 EDO C . -13.07 -4.46 -7.63
O1 EDO C . -12.81 -4.57 -9.04
C2 EDO C . -13.59 -5.77 -7.09
O2 EDO C . -12.74 -6.82 -7.56
H11 EDO C . -13.81 -3.66 -7.46
H12 EDO C . -12.15 -4.18 -7.12
HO1 EDO C . -12.38 -3.76 -9.35
H21 EDO C . -14.61 -5.94 -7.44
H22 EDO C . -13.60 -5.76 -6.00
HO2 EDO C . -12.44 -7.35 -6.80
C1 EDO D . 7.73 -30.76 -1.38
O1 EDO D . 8.42 -29.54 -1.17
C2 EDO D . 8.04 -31.22 -2.80
O2 EDO D . 9.45 -31.38 -2.92
H11 EDO D . 6.65 -30.62 -1.25
H12 EDO D . 8.05 -31.53 -0.66
HO1 EDO D . 8.24 -29.22 -0.28
H21 EDO D . 7.68 -30.49 -3.52
H22 EDO D . 7.53 -32.17 -3.01
HO2 EDO D . 9.67 -32.31 -3.07
C1 EDO E . 2.45 2.11 19.75
O1 EDO E . 1.68 2.85 18.81
C2 EDO E . 2.00 2.57 21.12
O2 EDO E . 0.68 3.12 21.15
H11 EDO E . 3.51 2.30 19.61
H12 EDO E . 2.27 1.04 19.63
HO1 EDO E . 2.24 3.54 18.42
H21 EDO E . 2.71 3.32 21.49
H22 EDO E . 2.04 1.72 21.80
HO2 EDO E . 0.03 2.41 21.10
C1 EDO F . 19.83 -13.08 2.22
O1 EDO F . 20.81 -13.73 3.04
C2 EDO F . 19.30 -14.07 1.18
O2 EDO F . 19.22 -15.33 1.85
H11 EDO F . 20.27 -12.22 1.71
H12 EDO F . 19.00 -12.72 2.84
HO1 EDO F . 20.53 -13.70 3.97
H21 EDO F . 19.97 -14.13 0.33
H22 EDO F . 18.32 -13.76 0.82
HO2 EDO F . 18.37 -15.76 1.63
C1 EDO G . -14.39 17.76 2.22
O1 EDO G . -13.57 17.70 1.05
C2 EDO G . -13.57 18.20 3.43
O2 EDO G . -14.49 18.60 4.46
H11 EDO G . -14.82 16.78 2.41
H12 EDO G . -15.21 18.46 2.05
HO1 EDO G . -14.12 17.50 0.28
H21 EDO G . -12.92 19.03 3.16
H22 EDO G . -12.95 17.38 3.78
HO2 EDO G . -14.80 17.81 4.93
C1 EDO H . 24.94 3.97 15.89
O1 EDO H . 25.94 4.76 15.23
C2 EDO H . 24.33 4.84 16.99
O2 EDO H . 23.51 5.85 16.40
H11 EDO H . 25.39 3.07 16.33
H12 EDO H . 24.18 3.66 15.18
HO1 EDO H . 26.37 4.21 14.55
H21 EDO H . 25.12 5.30 17.58
H22 EDO H . 23.73 4.21 17.66
HO2 EDO H . 23.79 6.71 16.70
C1 EDO I . 10.92 3.79 20.15
O1 EDO I . 10.73 4.23 18.80
C2 EDO I . 12.41 3.85 20.44
O2 EDO I . 13.06 4.48 19.32
H11 EDO I . 10.56 2.77 20.26
H12 EDO I . 10.36 4.42 20.83
HO1 EDO I . 10.25 3.55 18.30
H21 EDO I . 12.82 2.86 20.60
H22 EDO I . 12.59 4.44 21.35
HO2 EDO I . 13.80 5.00 19.62
C1 EDO J . 16.50 -4.31 23.70
O1 EDO J . 16.42 -2.88 23.82
C2 EDO J . 17.55 -4.69 22.66
O2 EDO J . 18.71 -3.88 22.81
H11 EDO J . 15.53 -4.71 23.41
H12 EDO J . 16.77 -4.73 24.67
HO1 EDO J . 15.76 -2.65 24.49
H21 EDO J . 17.13 -4.57 21.66
H22 EDO J . 17.82 -5.75 22.79
HO2 EDO J . 19.44 -4.41 23.16
C1 EDO K . -10.70 -4.69 12.61
O1 EDO K . -11.85 -4.63 13.47
C2 EDO K . -10.97 -5.69 11.50
O2 EDO K . -12.33 -5.48 11.08
H11 EDO K . -9.83 -5.00 13.18
H12 EDO K . -10.50 -3.71 12.19
HO1 EDO K . -11.68 -3.99 14.19
H21 EDO K . -10.84 -6.71 11.87
H22 EDO K . -10.28 -5.54 10.67
HO2 EDO K . -12.37 -5.49 10.11
N DPP L . -6.10 0.22 -3.83
CA DPP L . -6.35 -1.00 -4.61
C DPP L . -6.98 -0.58 -5.94
O DPP L . -6.87 0.61 -6.35
CB DPP L . -7.26 -1.93 -3.83
NG DPP L . -6.53 -2.96 -3.10
OXT DPP L . -7.61 -1.45 -6.61
H2 DPP L . -5.60 0.79 -4.30
H DPP L . -5.66 -0.01 -3.08
HA DPP L . -5.52 -1.47 -4.77
HB2 DPP L . -7.79 -1.41 -3.20
HB3 DPP L . -7.87 -2.37 -4.46
HG1 DPP L . -6.53 -2.77 -2.22
HG2 DPP L . -5.69 -3.01 -3.38
#